data_4LE1
#
_entry.id   4LE1
#
_cell.length_a   45.732
_cell.length_b   91.634
_cell.length_c   62.106
_cell.angle_alpha   90.000
_cell.angle_beta   90.000
_cell.angle_gamma   90.000
#
_symmetry.space_group_name_H-M   'P 21 21 2'
#
loop_
_entity.id
_entity.type
_entity.pdbx_description
1 polymer 'Transcriptional regulatory protein DesR'
2 non-polymer GLYCEROL
3 non-polymer 'SULFATE ION'
4 non-polymer 'ACETATE ION'
5 water water
#
_entity_poly.entity_id   1
_entity_poly.type   'polypeptide(L)'
_entity_poly.pdbx_seq_one_letter_code
;GSGSMISIFIAEDQQMLLGALGSLLNLEDDMEVVGKGTTGQDAVDFVKKRQPDVCIMDIEMPGKTGLEAAEELKDTGCKI
IILTTFARPGYFQRAIKAGVKGYLLKDSPSEELANAIRSVMNGKRIYAPELMEDLYSEA
;
_entity_poly.pdbx_strand_id   A,B
#
loop_
_chem_comp.id
_chem_comp.type
_chem_comp.name
_chem_comp.formula
ACT non-polymer 'ACETATE ION' 'C2 H3 O2 -1'
GOL non-polymer GLYCEROL 'C3 H8 O3'
SO4 non-polymer 'SULFATE ION' 'O4 S -2'
#
# COMPACT_ATOMS: atom_id res chain seq x y z
N MET A 5 -4.92 9.89 -6.87
CA MET A 5 -3.92 10.68 -6.13
C MET A 5 -3.04 9.80 -5.28
N ILE A 6 -1.74 10.10 -5.26
CA ILE A 6 -0.75 9.39 -4.44
C ILE A 6 -0.86 9.91 -3.00
N SER A 7 -1.13 9.01 -2.03
CA SER A 7 -1.20 9.38 -0.62
C SER A 7 0.20 9.31 -0.01
N ILE A 8 0.61 10.39 0.68
CA ILE A 8 1.95 10.50 1.26
C ILE A 8 1.91 10.71 2.74
N PHE A 9 2.64 9.88 3.47
CA PHE A 9 2.79 10.00 4.92
C PHE A 9 4.21 10.50 5.16
N ILE A 10 4.37 11.52 6.02
CA ILE A 10 5.71 12.05 6.32
C ILE A 10 5.96 11.89 7.79
N ALA A 11 6.95 11.05 8.16
CA ALA A 11 7.24 10.82 9.58
C ALA A 11 7.65 12.13 10.24
N GLU A 12 7.13 12.38 11.44
CA GLU A 12 7.45 13.54 12.28
C GLU A 12 7.15 14.89 11.63
N ASP A 13 6.09 14.96 10.80
CA ASP A 13 5.72 16.19 10.12
C ASP A 13 4.97 17.25 10.97
N GLN A 14 4.89 17.05 12.31
CA GLN A 14 4.38 18.07 13.22
C GLN A 14 5.50 19.11 13.35
N GLN A 15 6.74 18.71 13.00
CA GLN A 15 7.91 19.57 13.03
C GLN A 15 7.80 20.51 11.84
N MET A 16 8.20 21.76 12.01
CA MET A 16 8.04 22.77 10.98
C MET A 16 8.66 22.51 9.61
N LEU A 17 9.87 21.95 9.57
CA LEU A 17 10.55 21.67 8.29
C LEU A 17 9.85 20.57 7.49
N LEU A 18 9.54 19.44 8.14
CA LEU A 18 8.85 18.31 7.50
C LEU A 18 7.40 18.66 7.16
N GLY A 19 6.76 19.48 8.00
CA GLY A 19 5.41 20.00 7.76
C GLY A 19 5.41 20.89 6.53
N ALA A 20 6.46 21.76 6.41
CA ALA A 20 6.62 22.65 5.26
C ALA A 20 6.84 21.85 3.96
N LEU A 21 7.64 20.77 4.01
CA LEU A 21 7.86 19.89 2.87
C LEU A 21 6.53 19.26 2.38
N GLY A 22 5.72 18.79 3.33
CA GLY A 22 4.40 18.24 3.06
C GLY A 22 3.44 19.25 2.44
N SER A 23 3.46 20.51 2.91
CA SER A 23 2.61 21.57 2.37
C SER A 23 2.95 21.79 0.88
N LEU A 24 4.25 21.81 0.56
CA LEU A 24 4.78 21.95 -0.81
C LEU A 24 4.30 20.77 -1.71
N LEU A 25 4.38 19.52 -1.21
N LEU A 25 4.39 19.54 -1.20
CA LEU A 25 3.95 18.34 -1.95
CA LEU A 25 3.95 18.34 -1.93
C LEU A 25 2.45 18.35 -2.20
C LEU A 25 2.46 18.33 -2.18
N ASN A 26 1.67 18.96 -1.28
N ASN A 26 1.67 18.89 -1.24
CA ASN A 26 0.22 19.09 -1.41
CA ASN A 26 0.22 18.97 -1.38
C ASN A 26 -0.21 20.01 -2.56
C ASN A 26 -0.23 19.94 -2.49
N LEU A 27 0.73 20.82 -3.09
N LEU A 27 0.71 20.74 -3.05
CA LEU A 27 0.47 21.70 -4.25
CA LEU A 27 0.45 21.64 -4.18
C LEU A 27 0.43 20.87 -5.54
C LEU A 27 0.39 20.86 -5.50
N GLU A 28 0.97 19.64 -5.51
CA GLU A 28 0.97 18.76 -6.68
C GLU A 28 -0.46 18.24 -6.89
N ASP A 29 -0.96 18.31 -8.13
CA ASP A 29 -2.33 17.91 -8.49
C ASP A 29 -2.63 16.44 -8.18
N ASP A 30 -1.60 15.57 -8.31
CA ASP A 30 -1.70 14.13 -8.15
C ASP A 30 -1.19 13.58 -6.80
N MET A 31 -0.98 14.45 -5.80
CA MET A 31 -0.45 14.06 -4.50
C MET A 31 -1.24 14.62 -3.34
N GLU A 32 -1.31 13.87 -2.24
CA GLU A 32 -2.00 14.30 -1.03
C GLU A 32 -1.21 13.82 0.20
N VAL A 33 -0.92 14.74 1.12
CA VAL A 33 -0.21 14.38 2.36
C VAL A 33 -1.28 14.02 3.38
N VAL A 34 -1.16 12.84 3.96
CA VAL A 34 -2.13 12.32 4.92
C VAL A 34 -1.47 12.05 6.27
N GLY A 35 -2.27 12.06 7.32
CA GLY A 35 -1.78 11.79 8.68
C GLY A 35 -0.84 12.83 9.25
N LYS A 36 -0.94 14.06 8.78
CA LYS A 36 -0.09 15.16 9.26
C LYS A 36 -0.22 15.35 10.78
N GLY A 37 0.93 15.44 11.46
CA GLY A 37 0.98 15.64 12.91
C GLY A 37 0.96 14.38 13.74
N THR A 38 0.66 13.23 13.13
CA THR A 38 0.64 11.97 13.88
C THR A 38 2.06 11.52 14.19
N THR A 39 2.32 11.17 15.44
CA THR A 39 3.64 10.72 15.89
C THR A 39 3.52 9.54 16.88
N GLY A 40 4.63 8.87 17.16
CA GLY A 40 4.67 7.73 18.07
C GLY A 40 3.91 6.53 17.57
N GLN A 41 3.19 5.83 18.47
CA GLN A 41 2.37 4.66 18.14
C GLN A 41 1.21 5.04 17.25
N ASP A 42 0.64 6.24 17.48
CA ASP A 42 -0.45 6.90 16.73
C ASP A 42 -0.09 6.99 15.22
N ALA A 43 1.20 7.21 14.91
CA ALA A 43 1.74 7.25 13.55
C ALA A 43 1.75 5.85 12.94
N VAL A 44 2.42 4.87 13.62
CA VAL A 44 2.51 3.46 13.20
C VAL A 44 1.09 2.94 12.91
N ASP A 45 0.12 3.26 13.79
CA ASP A 45 -1.29 2.90 13.67
C ASP A 45 -1.91 3.54 12.44
N PHE A 46 -1.59 4.84 12.17
CA PHE A 46 -2.12 5.53 11.00
C PHE A 46 -1.68 4.80 9.73
N VAL A 47 -0.36 4.54 9.60
CA VAL A 47 0.24 3.86 8.45
C VAL A 47 -0.41 2.48 8.21
N LYS A 48 -0.61 1.70 9.29
CA LYS A 48 -1.21 0.38 9.20
C LYS A 48 -2.71 0.38 8.81
N LYS A 49 -3.51 1.27 9.42
CA LYS A 49 -4.95 1.39 9.16
C LYS A 49 -5.29 2.15 7.87
N ARG A 50 -4.62 3.29 7.61
CA ARG A 50 -4.90 4.11 6.43
C ARG A 50 -4.11 3.73 5.18
N GLN A 51 -3.05 2.91 5.35
CA GLN A 51 -2.23 2.39 4.26
C GLN A 51 -1.82 3.45 3.21
N PRO A 52 -1.01 4.48 3.59
CA PRO A 52 -0.58 5.47 2.58
C PRO A 52 0.30 4.82 1.53
N ASP A 53 0.33 5.38 0.32
CA ASP A 53 1.13 4.80 -0.77
C ASP A 53 2.60 4.92 -0.51
N VAL A 54 3.03 6.10 -0.06
CA VAL A 54 4.42 6.49 0.15
C VAL A 54 4.64 7.02 1.56
N CYS A 55 5.77 6.64 2.18
CA CYS A 55 6.22 7.11 3.49
C CYS A 55 7.58 7.82 3.32
N ILE A 56 7.65 9.11 3.68
CA ILE A 56 8.91 9.89 3.58
C ILE A 56 9.52 10.03 4.98
N MET A 57 10.80 9.68 5.11
CA MET A 57 11.49 9.76 6.38
C MET A 57 12.82 10.50 6.29
N ASP A 58 13.04 11.43 7.21
CA ASP A 58 14.30 12.12 7.37
C ASP A 58 15.09 11.26 8.38
N ILE A 59 16.16 10.61 7.92
CA ILE A 59 16.94 9.72 8.81
C ILE A 59 17.98 10.43 9.67
N GLU A 60 18.01 11.76 9.61
CA GLU A 60 18.98 12.56 10.38
C GLU A 60 18.34 13.37 11.49
N MET A 61 17.14 12.95 11.92
N MET A 61 17.14 12.96 11.93
CA MET A 61 16.41 13.60 12.99
CA MET A 61 16.38 13.62 12.98
C MET A 61 17.03 13.27 14.33
C MET A 61 16.97 13.28 14.35
N PRO A 62 17.43 14.28 15.15
N PRO A 62 17.44 14.27 15.15
CA PRO A 62 18.08 13.97 16.44
CA PRO A 62 18.03 13.94 16.46
C PRO A 62 17.15 13.21 17.39
C PRO A 62 17.08 13.24 17.43
N GLY A 63 17.69 12.16 18.02
N GLY A 63 17.63 12.37 18.27
CA GLY A 63 16.93 11.29 18.90
CA GLY A 63 16.86 11.58 19.23
C GLY A 63 16.10 10.26 18.15
C GLY A 63 16.25 10.37 18.53
N LYS A 64 16.36 10.13 16.82
N LYS A 64 15.12 10.59 17.81
CA LYS A 64 15.72 9.22 15.86
CA LYS A 64 14.44 9.54 17.04
C LYS A 64 16.64 9.00 14.64
C LYS A 64 15.21 9.37 15.72
N THR A 65 17.94 9.30 14.81
N THR A 65 16.47 8.91 15.82
CA THR A 65 18.99 9.20 13.79
CA THR A 65 17.43 8.77 14.72
C THR A 65 19.28 7.75 13.43
C THR A 65 17.58 7.39 14.10
N GLY A 66 19.19 7.45 12.14
N GLY A 66 18.42 7.33 13.06
CA GLY A 66 19.41 6.11 11.61
CA GLY A 66 18.78 6.12 12.32
C GLY A 66 18.23 5.55 10.85
C GLY A 66 17.73 5.60 11.36
N LEU A 67 18.38 4.30 10.40
N LEU A 67 18.13 4.52 10.65
CA LEU A 67 17.39 3.57 9.61
CA LEU A 67 17.30 3.80 9.68
C LEU A 67 16.28 2.86 10.39
C LEU A 67 16.23 2.97 10.39
N GLU A 68 16.31 2.89 11.74
CA GLU A 68 15.37 2.15 12.60
C GLU A 68 13.87 2.49 12.38
N ALA A 69 13.52 3.79 12.31
CA ALA A 69 12.15 4.27 12.07
C ALA A 69 11.66 3.83 10.68
N ALA A 70 12.56 3.81 9.68
CA ALA A 70 12.27 3.36 8.33
C ALA A 70 12.11 1.83 8.34
N GLU A 71 13.02 1.12 9.04
CA GLU A 71 12.99 -0.35 9.20
C GLU A 71 11.72 -0.81 9.93
N GLU A 72 11.17 0.04 10.82
CA GLU A 72 9.94 -0.20 11.58
C GLU A 72 8.70 -0.24 10.64
N LEU A 73 8.77 0.46 9.48
CA LEU A 73 7.69 0.52 8.49
C LEU A 73 7.90 -0.40 7.28
N LYS A 74 8.95 -1.24 7.29
CA LYS A 74 9.31 -2.15 6.19
C LYS A 74 8.21 -3.14 5.76
N ASP A 75 7.34 -3.54 6.70
CA ASP A 75 6.27 -4.51 6.44
C ASP A 75 4.86 -3.90 6.49
N THR A 76 4.74 -2.59 6.25
CA THR A 76 3.44 -1.88 6.24
C THR A 76 2.78 -1.74 4.86
N GLY A 77 3.53 -2.01 3.80
N GLY A 77 3.56 -1.89 3.81
CA GLY A 77 3.05 -1.88 2.43
CA GLY A 77 3.05 -1.73 2.45
C GLY A 77 3.33 -0.51 1.87
C GLY A 77 3.37 -0.36 1.86
N CYS A 78 3.78 0.41 2.73
N CYS A 78 3.65 0.67 2.70
CA CYS A 78 4.12 1.78 2.37
CA CYS A 78 3.98 1.98 2.16
C CYS A 78 5.46 1.79 1.62
C CYS A 78 5.40 1.99 1.59
N LYS A 79 5.55 2.53 0.51
N LYS A 79 5.55 2.56 0.37
CA LYS A 79 6.79 2.64 -0.27
CA LYS A 79 6.85 2.62 -0.31
C LYS A 79 7.65 3.72 0.40
C LYS A 79 7.69 3.72 0.34
N ILE A 80 8.77 3.32 1.03
CA ILE A 80 9.63 4.24 1.78
C ILE A 80 10.59 5.04 0.92
N ILE A 81 10.65 6.33 1.21
CA ILE A 81 11.61 7.24 0.61
C ILE A 81 12.35 7.88 1.77
N ILE A 82 13.68 7.73 1.78
CA ILE A 82 14.54 8.28 2.82
C ILE A 82 15.25 9.53 2.32
N LEU A 83 15.33 10.56 3.18
CA LEU A 83 16.06 11.81 2.92
C LEU A 83 17.28 11.85 3.84
N THR A 84 18.44 12.18 3.27
CA THR A 84 19.71 12.25 3.99
C THR A 84 20.59 13.34 3.37
N THR A 85 21.66 13.76 4.08
CA THR A 85 22.55 14.80 3.57
C THR A 85 23.74 14.21 2.81
N PHE A 86 24.30 13.09 3.31
CA PHE A 86 25.47 12.44 2.72
C PHE A 86 25.49 10.96 3.05
N ALA A 87 26.34 10.20 2.35
CA ALA A 87 26.49 8.75 2.54
C ALA A 87 27.06 8.43 3.92
N ARG A 88 26.57 7.34 4.54
CA ARG A 88 27.12 6.84 5.81
C ARG A 88 27.38 5.34 5.65
N PRO A 89 28.44 4.77 6.27
CA PRO A 89 28.73 3.34 6.07
C PRO A 89 27.61 2.41 6.48
N GLY A 90 27.32 1.44 5.62
CA GLY A 90 26.26 0.45 5.84
C GLY A 90 24.84 0.89 5.60
N TYR A 91 24.59 2.19 5.41
CA TYR A 91 23.24 2.75 5.20
C TYR A 91 22.58 2.29 3.91
N PHE A 92 23.33 2.26 2.80
CA PHE A 92 22.78 1.84 1.51
C PHE A 92 22.28 0.39 1.60
N GLN A 93 23.11 -0.51 2.17
CA GLN A 93 22.81 -1.93 2.36
C GLN A 93 21.58 -2.14 3.26
N ARG A 94 21.49 -1.38 4.37
CA ARG A 94 20.36 -1.45 5.29
C ARG A 94 19.07 -0.97 4.61
N ALA A 95 19.17 0.13 3.82
CA ALA A 95 18.02 0.68 3.08
C ALA A 95 17.50 -0.36 2.07
N ILE A 96 18.41 -0.95 1.26
CA ILE A 96 18.02 -1.96 0.25
C ILE A 96 17.33 -3.18 0.91
N LYS A 97 17.90 -3.69 2.03
CA LYS A 97 17.36 -4.83 2.80
C LYS A 97 15.97 -4.56 3.41
N ALA A 98 15.72 -3.30 3.84
CA ALA A 98 14.43 -2.88 4.42
C ALA A 98 13.36 -2.60 3.33
N GLY A 99 13.74 -2.80 2.07
CA GLY A 99 12.85 -2.60 0.93
C GLY A 99 12.60 -1.13 0.59
N VAL A 100 13.49 -0.23 1.04
CA VAL A 100 13.42 1.20 0.76
C VAL A 100 13.40 1.44 -0.76
N LYS A 101 12.47 2.28 -1.25
CA LYS A 101 12.31 2.54 -2.68
C LYS A 101 13.04 3.79 -3.16
N GLY A 102 13.21 4.75 -2.27
CA GLY A 102 13.88 6.02 -2.57
C GLY A 102 14.91 6.38 -1.53
N TYR A 103 16.11 6.79 -1.97
CA TYR A 103 17.19 7.18 -1.05
C TYR A 103 17.80 8.42 -1.69
N LEU A 104 17.36 9.60 -1.21
CA LEU A 104 17.65 10.89 -1.82
C LEU A 104 18.48 11.87 -0.98
N LEU A 105 19.19 12.76 -1.68
CA LEU A 105 19.95 13.84 -1.08
C LEU A 105 19.01 14.98 -0.73
N LYS A 106 19.20 15.58 0.45
CA LYS A 106 18.42 16.74 0.85
C LYS A 106 18.71 17.95 -0.05
N ASP A 107 19.93 17.99 -0.64
CA ASP A 107 20.38 19.08 -1.50
C ASP A 107 19.68 19.16 -2.86
N SER A 108 18.99 18.10 -3.28
CA SER A 108 18.29 18.07 -4.57
C SER A 108 16.99 18.92 -4.52
N PRO A 109 16.51 19.46 -5.67
CA PRO A 109 15.26 20.26 -5.63
C PRO A 109 14.04 19.42 -5.21
N SER A 110 13.00 20.07 -4.65
CA SER A 110 11.74 19.39 -4.26
C SER A 110 11.05 18.79 -5.50
N GLU A 111 11.39 19.29 -6.72
CA GLU A 111 10.87 18.75 -8.00
C GLU A 111 11.40 17.32 -8.16
N GLU A 112 12.67 17.08 -7.76
CA GLU A 112 13.25 15.74 -7.78
C GLU A 112 12.53 14.80 -6.82
N LEU A 113 12.09 15.32 -5.64
CA LEU A 113 11.33 14.50 -4.69
C LEU A 113 9.98 14.11 -5.31
N ALA A 114 9.22 15.09 -5.85
CA ALA A 114 7.92 14.84 -6.50
C ALA A 114 8.08 13.79 -7.61
N ASN A 115 9.12 13.93 -8.47
CA ASN A 115 9.39 12.98 -9.56
C ASN A 115 9.77 11.59 -9.03
N ALA A 116 10.53 11.54 -7.90
CA ALA A 116 10.91 10.27 -7.26
C ALA A 116 9.66 9.57 -6.72
N ILE A 117 8.71 10.33 -6.13
CA ILE A 117 7.44 9.78 -5.62
C ILE A 117 6.68 9.10 -6.76
N ARG A 118 6.57 9.77 -7.92
CA ARG A 118 5.89 9.25 -9.11
C ARG A 118 6.60 8.00 -9.65
N SER A 119 7.94 8.04 -9.73
CA SER A 119 8.76 6.92 -10.19
C SER A 119 8.59 5.71 -9.29
N VAL A 120 8.62 5.92 -7.97
CA VAL A 120 8.45 4.88 -6.96
C VAL A 120 7.05 4.24 -7.07
N MET A 121 6.03 5.07 -7.38
CA MET A 121 4.67 4.57 -7.60
C MET A 121 4.56 3.78 -8.91
N ASN A 122 5.56 3.92 -9.81
CA ASN A 122 5.61 3.16 -11.07
C ASN A 122 6.53 1.93 -10.97
N GLY A 123 6.83 1.50 -9.75
CA GLY A 123 7.63 0.31 -9.47
C GLY A 123 9.13 0.47 -9.52
N LYS A 124 9.62 1.72 -9.66
CA LYS A 124 11.06 1.99 -9.74
C LYS A 124 11.68 2.24 -8.36
N ARG A 125 13.01 2.13 -8.29
CA ARG A 125 13.78 2.46 -7.11
C ARG A 125 14.71 3.61 -7.51
N ILE A 126 14.68 4.71 -6.74
CA ILE A 126 15.44 5.94 -7.04
C ILE A 126 16.44 6.17 -5.94
N TYR A 127 17.69 5.83 -6.22
CA TYR A 127 18.77 5.99 -5.26
C TYR A 127 19.81 6.95 -5.83
N ALA A 128 20.14 8.01 -5.08
CA ALA A 128 21.17 8.96 -5.51
C ALA A 128 22.50 8.20 -5.62
N PRO A 129 23.24 8.24 -6.77
CA PRO A 129 24.52 7.50 -6.85
C PRO A 129 25.49 7.91 -5.74
N GLU A 130 25.47 9.19 -5.33
CA GLU A 130 26.27 9.75 -4.24
C GLU A 130 26.05 8.99 -2.91
N LEU A 131 24.89 8.36 -2.75
CA LEU A 131 24.49 7.59 -1.55
C LEU A 131 24.66 6.06 -1.65
N MET A 132 24.77 5.52 -2.88
CA MET A 132 24.98 4.10 -3.13
C MET A 132 26.46 3.79 -2.80
N GLU A 133 27.24 4.84 -2.53
CA GLU A 133 28.66 4.81 -2.19
C GLU A 133 28.89 4.42 -0.73
N ASP A 134 30.09 3.91 -0.43
CA ASP A 134 30.49 3.48 0.91
C ASP A 134 30.59 4.63 1.92
N LEU A 135 30.91 5.86 1.43
CA LEU A 135 31.07 7.07 2.25
C LEU A 135 30.94 8.35 1.41
N TYR A 136 30.90 9.52 2.08
CA TYR A 136 30.77 10.85 1.45
C TYR A 136 32.00 11.18 0.60
N MET B 5 -19.70 1.53 -14.86
CA MET B 5 -19.77 0.12 -14.50
C MET B 5 -18.45 -0.41 -13.93
N ILE B 6 -18.52 -1.07 -12.78
CA ILE B 6 -17.34 -1.64 -12.12
C ILE B 6 -17.21 -3.10 -12.55
N SER B 7 -16.06 -3.47 -13.17
CA SER B 7 -15.80 -4.87 -13.58
C SER B 7 -15.20 -5.62 -12.39
N ILE B 8 -15.78 -6.78 -12.06
CA ILE B 8 -15.37 -7.57 -10.91
C ILE B 8 -14.93 -8.97 -11.32
N PHE B 9 -13.72 -9.35 -10.94
CA PHE B 9 -13.23 -10.71 -11.13
C PHE B 9 -13.36 -11.39 -9.77
N ILE B 10 -13.92 -12.59 -9.74
CA ILE B 10 -14.06 -13.31 -8.46
C ILE B 10 -13.31 -14.63 -8.60
N ALA B 11 -12.29 -14.85 -7.76
CA ALA B 11 -11.50 -16.10 -7.84
C ALA B 11 -12.35 -17.29 -7.50
N GLU B 12 -12.22 -18.37 -8.28
CA GLU B 12 -12.87 -19.67 -8.06
C GLU B 12 -14.40 -19.61 -8.05
N ASP B 13 -14.98 -18.71 -8.86
CA ASP B 13 -16.42 -18.54 -8.95
C ASP B 13 -17.18 -19.60 -9.77
N GLN B 14 -16.51 -20.69 -10.21
CA GLN B 14 -17.20 -21.82 -10.82
C GLN B 14 -17.88 -22.59 -9.63
N GLN B 15 -17.38 -22.36 -8.40
CA GLN B 15 -17.92 -22.95 -7.18
C GLN B 15 -19.24 -22.28 -6.85
N MET B 16 -20.19 -23.06 -6.30
CA MET B 16 -21.53 -22.54 -6.02
C MET B 16 -21.66 -21.31 -5.14
N LEU B 17 -20.91 -21.24 -4.03
CA LEU B 17 -21.02 -20.09 -3.12
C LEU B 17 -20.47 -18.80 -3.75
N LEU B 18 -19.28 -18.87 -4.36
CA LEU B 18 -18.67 -17.71 -5.01
C LEU B 18 -19.40 -17.31 -6.28
N GLY B 19 -19.98 -18.29 -6.99
CA GLY B 19 -20.82 -18.06 -8.17
C GLY B 19 -22.10 -17.35 -7.75
N ALA B 20 -22.70 -17.76 -6.60
CA ALA B 20 -23.89 -17.11 -6.01
C ALA B 20 -23.57 -15.66 -5.62
N LEU B 21 -22.38 -15.41 -5.01
CA LEU B 21 -21.97 -14.05 -4.65
C LEU B 21 -21.86 -13.15 -5.90
N GLY B 22 -21.29 -13.69 -6.98
CA GLY B 22 -21.17 -13.01 -8.27
C GLY B 22 -22.51 -12.67 -8.89
N SER B 23 -23.49 -13.61 -8.80
CA SER B 23 -24.85 -13.39 -9.31
C SER B 23 -25.51 -12.21 -8.55
N LEU B 24 -25.32 -12.16 -7.22
CA LEU B 24 -25.84 -11.11 -6.35
C LEU B 24 -25.19 -9.77 -6.71
N LEU B 25 -23.88 -9.73 -6.98
CA LEU B 25 -23.21 -8.50 -7.41
C LEU B 25 -23.70 -8.05 -8.78
N ASN B 26 -24.05 -9.02 -9.66
CA ASN B 26 -24.59 -8.73 -11.00
C ASN B 26 -25.98 -8.06 -10.91
N LEU B 27 -26.64 -8.17 -9.75
CA LEU B 27 -27.93 -7.52 -9.52
C LEU B 27 -27.78 -6.01 -9.25
N GLU B 28 -26.54 -5.51 -9.03
CA GLU B 28 -26.23 -4.08 -8.84
C GLU B 28 -26.15 -3.45 -10.23
N ASP B 29 -26.80 -2.29 -10.39
CA ASP B 29 -26.87 -1.57 -11.67
C ASP B 29 -25.49 -1.17 -12.21
N ASP B 30 -24.56 -0.86 -11.29
CA ASP B 30 -23.23 -0.35 -11.61
C ASP B 30 -22.10 -1.38 -11.51
N MET B 31 -22.43 -2.68 -11.45
CA MET B 31 -21.44 -3.76 -11.31
C MET B 31 -21.63 -4.88 -12.31
N GLU B 32 -20.52 -5.48 -12.75
CA GLU B 32 -20.53 -6.58 -13.70
C GLU B 32 -19.40 -7.57 -13.35
N VAL B 33 -19.74 -8.86 -13.21
CA VAL B 33 -18.78 -9.90 -12.89
C VAL B 33 -18.21 -10.42 -14.22
N VAL B 34 -16.86 -10.34 -14.37
CA VAL B 34 -16.10 -10.75 -15.56
C VAL B 34 -15.19 -11.97 -15.27
N GLY B 35 -14.96 -12.79 -16.29
CA GLY B 35 -14.07 -13.95 -16.18
C GLY B 35 -14.60 -15.10 -15.33
N LYS B 36 -15.93 -15.25 -15.27
CA LYS B 36 -16.57 -16.33 -14.51
C LYS B 36 -16.06 -17.71 -14.96
N GLY B 37 -15.70 -18.52 -13.98
CA GLY B 37 -15.24 -19.88 -14.19
C GLY B 37 -13.76 -20.05 -14.48
N THR B 38 -13.03 -18.93 -14.73
CA THR B 38 -11.60 -19.01 -15.03
C THR B 38 -10.84 -19.36 -13.76
N THR B 39 -9.91 -20.33 -13.87
CA THR B 39 -9.06 -20.83 -12.77
C THR B 39 -7.62 -21.03 -13.25
N GLY B 40 -6.70 -21.11 -12.30
CA GLY B 40 -5.28 -21.35 -12.56
C GLY B 40 -4.62 -20.24 -13.35
N GLN B 41 -3.81 -20.63 -14.36
CA GLN B 41 -3.08 -19.70 -15.22
C GLN B 41 -4.02 -18.86 -16.08
N ASP B 42 -5.14 -19.44 -16.55
CA ASP B 42 -6.16 -18.74 -17.33
C ASP B 42 -6.71 -17.54 -16.55
N ALA B 43 -6.89 -17.69 -15.22
CA ALA B 43 -7.38 -16.65 -14.31
C ALA B 43 -6.38 -15.49 -14.22
N VAL B 44 -5.07 -15.80 -14.07
CA VAL B 44 -3.97 -14.81 -14.04
C VAL B 44 -3.90 -14.08 -15.39
N ASP B 45 -4.00 -14.84 -16.51
CA ASP B 45 -4.02 -14.33 -17.88
C ASP B 45 -5.21 -13.40 -18.11
N PHE B 46 -6.40 -13.80 -17.61
CA PHE B 46 -7.62 -13.02 -17.75
C PHE B 46 -7.41 -11.66 -17.09
N VAL B 47 -6.98 -11.66 -15.81
CA VAL B 47 -6.76 -10.44 -15.02
C VAL B 47 -5.75 -9.50 -15.71
N LYS B 48 -4.65 -10.05 -16.25
CA LYS B 48 -3.62 -9.26 -16.93
C LYS B 48 -4.08 -8.65 -18.26
N LYS B 49 -4.78 -9.44 -19.10
CA LYS B 49 -5.27 -8.99 -20.41
C LYS B 49 -6.56 -8.15 -20.33
N ARG B 50 -7.56 -8.58 -19.53
CA ARG B 50 -8.84 -7.89 -19.41
C ARG B 50 -8.86 -6.75 -18.39
N GLN B 51 -7.87 -6.72 -17.49
CA GLN B 51 -7.71 -5.69 -16.45
C GLN B 51 -9.02 -5.34 -15.70
N PRO B 52 -9.63 -6.29 -14.94
CA PRO B 52 -10.86 -5.96 -14.18
C PRO B 52 -10.54 -4.92 -13.11
N ASP B 53 -11.56 -4.14 -12.72
CA ASP B 53 -11.34 -3.07 -11.74
C ASP B 53 -11.04 -3.62 -10.36
N VAL B 54 -11.81 -4.62 -9.96
CA VAL B 54 -11.78 -5.23 -8.64
C VAL B 54 -11.63 -6.75 -8.74
N CYS B 55 -10.81 -7.34 -7.83
CA CYS B 55 -10.60 -8.78 -7.73
C CYS B 55 -11.03 -9.22 -6.32
N ILE B 56 -12.04 -10.12 -6.21
CA ILE B 56 -12.52 -10.62 -4.92
C ILE B 56 -11.98 -12.01 -4.68
N MET B 57 -11.33 -12.21 -3.53
CA MET B 57 -10.75 -13.50 -3.21
C MET B 57 -11.19 -13.98 -1.84
N ASP B 58 -11.69 -15.20 -1.81
CA ASP B 58 -12.02 -15.87 -0.57
C ASP B 58 -10.69 -16.56 -0.23
N ILE B 59 -10.10 -16.22 0.92
CA ILE B 59 -8.81 -16.81 1.35
C ILE B 59 -8.95 -18.07 2.21
N GLU B 60 -10.18 -18.56 2.39
CA GLU B 60 -10.46 -19.73 3.22
C GLU B 60 -10.98 -20.94 2.45
N MET B 61 -10.76 -21.01 1.13
CA MET B 61 -11.26 -22.13 0.35
C MET B 61 -10.50 -23.39 0.65
N PRO B 62 -11.19 -24.46 1.11
CA PRO B 62 -10.50 -25.71 1.43
C PRO B 62 -9.73 -26.26 0.23
N GLY B 63 -8.53 -26.78 0.49
CA GLY B 63 -7.64 -27.34 -0.53
C GLY B 63 -7.07 -26.36 -1.53
N LYS B 64 -7.26 -25.04 -1.29
CA LYS B 64 -6.76 -23.98 -2.17
C LYS B 64 -5.80 -23.10 -1.39
N THR B 65 -4.94 -22.35 -2.11
CA THR B 65 -3.97 -21.43 -1.50
C THR B 65 -4.71 -20.27 -0.84
N GLY B 66 -4.18 -19.78 0.29
CA GLY B 66 -4.77 -18.68 1.05
C GLY B 66 -4.47 -17.33 0.41
N LEU B 67 -3.62 -16.53 1.08
CA LEU B 67 -3.19 -15.20 0.63
C LEU B 67 -2.34 -15.21 -0.64
N GLU B 68 -1.66 -16.33 -0.94
CA GLU B 68 -0.79 -16.50 -2.12
C GLU B 68 -1.46 -16.10 -3.45
N ALA B 69 -2.72 -16.51 -3.67
CA ALA B 69 -3.48 -16.18 -4.90
C ALA B 69 -3.72 -14.68 -5.00
N ALA B 70 -3.94 -14.01 -3.84
CA ALA B 70 -4.11 -12.55 -3.76
C ALA B 70 -2.77 -11.87 -4.02
N GLU B 71 -1.67 -12.40 -3.41
CA GLU B 71 -0.31 -11.88 -3.59
C GLU B 71 0.18 -12.02 -5.03
N GLU B 72 -0.33 -13.04 -5.74
CA GLU B 72 -0.04 -13.32 -7.14
C GLU B 72 -0.60 -12.23 -8.07
N LEU B 73 -1.66 -11.52 -7.63
CA LEU B 73 -2.32 -10.45 -8.39
C LEU B 73 -1.92 -9.03 -7.93
N LYS B 74 -0.95 -8.92 -7.01
CA LYS B 74 -0.51 -7.64 -6.43
C LYS B 74 -0.02 -6.58 -7.42
N ASP B 75 0.54 -7.00 -8.55
CA ASP B 75 1.07 -6.06 -9.56
C ASP B 75 0.26 -6.03 -10.87
N THR B 76 -1.03 -6.41 -10.81
CA THR B 76 -1.92 -6.45 -11.98
C THR B 76 -2.74 -5.17 -12.21
N GLY B 77 -2.81 -4.31 -11.20
N GLY B 77 -2.92 -4.37 -11.16
CA GLY B 77 -3.60 -3.07 -11.25
CA GLY B 77 -3.72 -3.16 -11.23
C GLY B 77 -5.01 -3.28 -10.76
C GLY B 77 -5.14 -3.36 -10.71
N CYS B 78 -5.37 -4.54 -10.51
N CYS B 78 -5.60 -4.61 -10.63
CA CYS B 78 -6.67 -4.92 -9.99
CA CYS B 78 -6.94 -4.91 -10.11
C CYS B 78 -6.73 -4.54 -8.51
C CYS B 78 -6.96 -4.72 -8.59
N LYS B 79 -7.85 -4.01 -8.07
N LYS B 79 -7.91 -3.93 -8.09
CA LYS B 79 -8.03 -3.64 -6.66
CA LYS B 79 -8.03 -3.63 -6.66
C LYS B 79 -8.52 -4.88 -5.91
C LYS B 79 -8.53 -4.87 -5.91
N ILE B 80 -7.65 -5.47 -5.09
CA ILE B 80 -7.95 -6.70 -4.34
C ILE B 80 -8.77 -6.52 -3.08
N ILE B 81 -9.87 -7.30 -2.99
CA ILE B 81 -10.73 -7.36 -1.81
C ILE B 81 -10.69 -8.81 -1.35
N ILE B 82 -10.27 -9.01 -0.10
CA ILE B 82 -10.18 -10.33 0.51
C ILE B 82 -11.36 -10.57 1.46
N LEU B 83 -11.93 -11.79 1.41
CA LEU B 83 -13.01 -12.22 2.30
C LEU B 83 -12.47 -13.29 3.24
N THR B 84 -12.74 -13.13 4.55
CA THR B 84 -12.28 -14.04 5.59
C THR B 84 -13.29 -14.10 6.73
N THR B 85 -13.18 -15.09 7.63
CA THR B 85 -14.12 -15.23 8.75
C THR B 85 -13.59 -14.54 10.01
N PHE B 86 -12.27 -14.67 10.27
CA PHE B 86 -11.63 -14.12 11.45
C PHE B 86 -10.15 -13.83 11.20
N ALA B 87 -9.51 -13.07 12.11
CA ALA B 87 -8.10 -12.72 12.00
C ALA B 87 -7.21 -13.95 12.17
N ARG B 88 -6.10 -14.00 11.41
CA ARG B 88 -5.10 -15.09 11.54
C ARG B 88 -3.73 -14.41 11.65
N PRO B 89 -2.76 -14.97 12.42
CA PRO B 89 -1.45 -14.28 12.57
C PRO B 89 -0.74 -14.01 11.26
N GLY B 90 -0.24 -12.79 11.12
CA GLY B 90 0.50 -12.34 9.95
C GLY B 90 -0.32 -11.97 8.72
N TYR B 91 -1.63 -12.28 8.71
CA TYR B 91 -2.51 -12.03 7.56
C TYR B 91 -2.71 -10.55 7.23
N PHE B 92 -2.92 -9.70 8.26
CA PHE B 92 -3.12 -8.26 8.05
C PHE B 92 -1.89 -7.65 7.39
N GLN B 93 -0.70 -7.96 7.92
CA GLN B 93 0.60 -7.50 7.42
C GLN B 93 0.84 -7.94 5.98
N ARG B 94 0.53 -9.21 5.65
CA ARG B 94 0.66 -9.74 4.30
C ARG B 94 -0.29 -9.04 3.34
N ALA B 95 -1.55 -8.78 3.77
CA ALA B 95 -2.54 -8.07 2.96
C ALA B 95 -2.08 -6.64 2.67
N ILE B 96 -1.65 -5.88 3.70
CA ILE B 96 -1.16 -4.52 3.51
C ILE B 96 0.05 -4.43 2.57
N LYS B 97 1.03 -5.37 2.71
CA LYS B 97 2.22 -5.47 1.86
C LYS B 97 1.89 -5.78 0.40
N ALA B 98 0.85 -6.60 0.16
CA ALA B 98 0.39 -6.96 -1.19
C ALA B 98 -0.48 -5.86 -1.84
N GLY B 99 -0.67 -4.75 -1.14
CA GLY B 99 -1.48 -3.62 -1.61
C GLY B 99 -2.97 -3.89 -1.63
N VAL B 100 -3.44 -4.87 -0.83
CA VAL B 100 -4.86 -5.24 -0.72
C VAL B 100 -5.66 -4.01 -0.30
N LYS B 101 -6.80 -3.74 -0.98
CA LYS B 101 -7.65 -2.57 -0.74
C LYS B 101 -8.80 -2.83 0.21
N GLY B 102 -9.30 -4.06 0.22
CA GLY B 102 -10.41 -4.47 1.07
C GLY B 102 -10.10 -5.76 1.82
N TYR B 103 -10.38 -5.79 3.13
CA TYR B 103 -10.16 -6.98 3.97
C TYR B 103 -11.39 -7.06 4.86
N LEU B 104 -12.35 -7.89 4.43
CA LEU B 104 -13.69 -7.96 5.02
C LEU B 104 -14.05 -9.25 5.70
N LEU B 105 -14.93 -9.14 6.72
CA LEU B 105 -15.48 -10.27 7.45
C LEU B 105 -16.62 -10.84 6.63
N LYS B 106 -16.69 -12.16 6.51
CA LYS B 106 -17.78 -12.83 5.82
C LYS B 106 -19.12 -12.63 6.56
N ASP B 107 -19.09 -12.34 7.86
CA ASP B 107 -20.28 -12.09 8.69
C ASP B 107 -21.06 -10.80 8.36
N SER B 108 -20.44 -9.87 7.63
CA SER B 108 -21.08 -8.61 7.26
C SER B 108 -22.10 -8.81 6.11
N PRO B 109 -23.14 -7.94 5.97
CA PRO B 109 -24.10 -8.12 4.86
C PRO B 109 -23.45 -7.91 3.48
N SER B 110 -24.05 -8.49 2.42
CA SER B 110 -23.57 -8.32 1.05
C SER B 110 -23.66 -6.84 0.60
N GLU B 111 -24.50 -6.03 1.30
CA GLU B 111 -24.64 -4.58 1.07
C GLU B 111 -23.30 -3.92 1.43
N GLU B 112 -22.64 -4.39 2.51
CA GLU B 112 -21.34 -3.90 2.92
C GLU B 112 -20.28 -4.24 1.86
N LEU B 113 -20.38 -5.42 1.19
CA LEU B 113 -19.45 -5.76 0.12
C LEU B 113 -19.63 -4.82 -1.07
N ALA B 114 -20.89 -4.61 -1.53
CA ALA B 114 -21.20 -3.70 -2.64
C ALA B 114 -20.65 -2.29 -2.34
N ASN B 115 -20.89 -1.78 -1.11
CA ASN B 115 -20.41 -0.46 -0.68
C ASN B 115 -18.88 -0.41 -0.60
N ALA B 116 -18.23 -1.51 -0.17
CA ALA B 116 -16.76 -1.61 -0.10
C ALA B 116 -16.18 -1.56 -1.51
N ILE B 117 -16.83 -2.24 -2.50
CA ILE B 117 -16.41 -2.22 -3.91
C ILE B 117 -16.41 -0.78 -4.43
N ARG B 118 -17.50 -0.03 -4.16
CA ARG B 118 -17.64 1.38 -4.57
C ARG B 118 -16.59 2.28 -3.90
N SER B 119 -16.37 2.07 -2.59
CA SER B 119 -15.39 2.82 -1.79
C SER B 119 -13.98 2.57 -2.32
N VAL B 120 -13.64 1.29 -2.59
CA VAL B 120 -12.35 0.88 -3.12
C VAL B 120 -12.11 1.51 -4.51
N MET B 121 -13.17 1.62 -5.32
CA MET B 121 -13.12 2.29 -6.63
C MET B 121 -12.91 3.81 -6.49
N ASN B 122 -13.17 4.36 -5.29
CA ASN B 122 -12.97 5.77 -4.99
C ASN B 122 -11.63 6.04 -4.26
N GLY B 123 -10.71 5.08 -4.34
CA GLY B 123 -9.38 5.16 -3.76
C GLY B 123 -9.25 4.86 -2.27
N LYS B 124 -10.34 4.38 -1.65
CA LYS B 124 -10.34 4.08 -0.21
C LYS B 124 -9.86 2.66 0.08
N ARG B 125 -9.46 2.44 1.34
CA ARG B 125 -9.04 1.15 1.88
C ARG B 125 -10.10 0.78 2.94
N ILE B 126 -10.73 -0.40 2.82
CA ILE B 126 -11.79 -0.83 3.74
C ILE B 126 -11.35 -2.10 4.46
N TYR B 127 -10.88 -1.96 5.69
CA TYR B 127 -10.41 -3.09 6.48
C TYR B 127 -11.26 -3.19 7.74
N ALA B 128 -11.83 -4.38 7.98
CA ALA B 128 -12.60 -4.61 9.22
C ALA B 128 -11.65 -4.43 10.43
N PRO B 129 -11.97 -3.60 11.44
CA PRO B 129 -11.06 -3.44 12.60
C PRO B 129 -10.73 -4.77 13.27
N GLU B 130 -11.72 -5.69 13.31
CA GLU B 130 -11.58 -7.05 13.86
C GLU B 130 -10.45 -7.85 13.17
N LEU B 131 -10.09 -7.48 11.92
CA LEU B 131 -9.06 -8.15 11.13
C LEU B 131 -7.68 -7.48 11.17
N MET B 132 -7.58 -6.29 11.76
CA MET B 132 -6.32 -5.54 11.82
C MET B 132 -5.37 -5.97 12.94
N GLU B 133 -5.67 -7.14 13.57
CA GLU B 133 -4.89 -7.78 14.64
C GLU B 133 -4.57 -6.78 15.77
N ASP B 134 -5.67 -6.19 16.34
CA ASP B 134 -5.76 -5.17 17.38
C ASP B 134 -4.58 -5.08 18.34
C1 GOL C . 18.06 11.13 -7.95
O1 GOL C . 18.67 11.24 -6.67
C2 GOL C . 18.91 10.26 -8.84
O2 GOL C . 20.24 10.76 -8.87
C3 GOL C . 18.34 10.23 -10.25
O3 GOL C . 17.15 9.45 -10.31
C1 GOL D . 10.45 7.15 -14.65
O1 GOL D . 11.13 6.91 -13.42
C2 GOL D . 8.96 6.96 -14.50
O2 GOL D . 8.67 5.74 -13.83
C3 GOL D . 8.34 8.12 -13.75
O3 GOL D . 6.93 8.08 -13.79
S SO4 E . -8.56 -22.24 10.31
O1 SO4 E . -7.73 -23.41 10.03
O2 SO4 E . -7.65 -21.15 10.59
O3 SO4 E . -9.39 -21.91 9.15
O4 SO4 E . -9.46 -22.50 11.44
C ACT F . -23.02 1.64 -18.19
O ACT F . -24.25 1.49 -18.27
OXT ACT F . -22.20 0.79 -18.55
CH3 ACT F . -22.49 2.96 -17.61
#